data_3KEM
#
_entry.id   3KEM
#
_cell.length_a   112.475
_cell.length_b   80.645
_cell.length_c   70.157
_cell.angle_alpha   90.00
_cell.angle_beta   94.68
_cell.angle_gamma   90.00
#
_symmetry.space_group_name_H-M   'C 1 2 1'
#
loop_
_entity.id
_entity.type
_entity.pdbx_description
1 polymer '4-hydroxy-3-methylbut-2-enyl diphosphate reductase'
2 non-polymer '3-METHYLBUT-3-ENYL TRIHYDROGEN DIPHOSPHATE'
3 non-polymer 'FE3-S4 CLUSTER'
4 water water
#
_entity_poly.entity_id   1
_entity_poly.type   'polypeptide(L)'
_entity_poly.pdbx_seq_one_letter_code
;MRGSHHHHHHMQILLANPRGFCAGVDRAISIVENALAIYGAPIYVRHEVVHNRYVVDSLRERGAIFIEQISEVPDGAILI
FSAHGVSQAVRNEAKSRDLTVFDATCPLVTKVHMEVARASRRGEESILIGHAGHPEVEGTMGQYSNPEGGMYLVESPDDV
WKLTVKNEEKLSFMTQTTLSVDDTSDVIDALRKRFPKIVGPRKDDICYATTNRQEAVRALAEQAEVVLVVGSKNSSNSNR
LAELAQRMGKRAFLIDDAKDIQEEWVKEVKCVGVTAGASAPDILVQNVVARLQQLGGGEAIPLEGREENIVFEVPKELRV
DIREVD
;
_entity_poly.pdbx_strand_id   A,B
#
# COMPACT_ATOMS: atom_id res chain seq x y z
N MET A 11 -36.85 -17.46 27.82
CA MET A 11 -36.34 -17.25 26.44
C MET A 11 -35.32 -18.32 26.07
N GLN A 12 -35.58 -19.02 24.97
CA GLN A 12 -34.69 -20.08 24.51
C GLN A 12 -33.56 -19.53 23.63
N ILE A 13 -32.33 -19.93 23.94
CA ILE A 13 -31.14 -19.50 23.20
C ILE A 13 -30.61 -20.66 22.37
N LEU A 14 -30.65 -20.50 21.05
CA LEU A 14 -30.15 -21.52 20.13
C LEU A 14 -28.85 -21.07 19.49
N LEU A 15 -27.96 -22.00 19.20
CA LEU A 15 -26.69 -21.67 18.56
C LEU A 15 -26.58 -22.38 17.22
N ALA A 16 -26.19 -21.64 16.19
CA ALA A 16 -26.03 -22.21 14.85
C ALA A 16 -24.79 -23.08 14.81
N ASN A 17 -24.79 -24.09 13.95
CA ASN A 17 -23.64 -24.98 13.84
C ASN A 17 -23.46 -25.47 12.41
N PRO A 18 -22.31 -25.15 11.78
CA PRO A 18 -21.20 -24.37 12.32
C PRO A 18 -21.38 -22.85 12.40
N ARG A 19 -20.45 -22.21 13.10
CA ARG A 19 -20.45 -20.77 13.30
C ARG A 19 -19.02 -20.36 13.61
N GLY A 20 -18.74 -19.07 13.48
CA GLY A 20 -17.41 -18.57 13.80
C GLY A 20 -16.24 -18.94 12.91
N PHE A 21 -15.07 -18.92 13.52
CA PHE A 21 -13.79 -19.19 12.86
C PHE A 21 -13.74 -20.28 11.81
N CYS A 22 -13.29 -19.88 10.62
CA CYS A 22 -13.11 -20.78 9.50
C CYS A 22 -11.61 -21.08 9.57
N ALA A 23 -11.14 -22.00 8.74
CA ALA A 23 -9.73 -22.37 8.74
C ALA A 23 -8.80 -21.27 8.22
N GLY A 24 -9.29 -20.46 7.29
CA GLY A 24 -8.47 -19.39 6.76
C GLY A 24 -8.20 -18.33 7.80
N VAL A 25 -9.26 -17.95 8.54
CA VAL A 25 -9.16 -16.93 9.57
C VAL A 25 -8.28 -17.39 10.72
N ASP A 26 -8.46 -18.64 11.14
CA ASP A 26 -7.67 -19.20 12.23
C ASP A 26 -6.18 -19.08 11.89
N ARG A 27 -5.84 -19.47 10.68
CA ARG A 27 -4.47 -19.41 10.19
C ARG A 27 -3.91 -17.99 10.16
N ALA A 28 -4.66 -17.08 9.54
CA ALA A 28 -4.24 -15.68 9.44
C ALA A 28 -3.90 -15.08 10.80
N ILE A 29 -4.80 -15.22 11.77
CA ILE A 29 -4.57 -14.70 13.11
C ILE A 29 -3.29 -15.30 13.69
N SER A 30 -3.18 -16.63 13.61
CA SER A 30 -2.00 -17.31 14.14
C SER A 30 -0.72 -16.82 13.50
N ILE A 31 -0.80 -16.36 12.25
CA ILE A 31 0.39 -15.87 11.58
C ILE A 31 0.84 -14.56 12.22
N VAL A 32 -0.10 -13.66 12.48
CA VAL A 32 0.28 -12.39 13.11
C VAL A 32 0.74 -12.63 14.55
N GLU A 33 -0.02 -13.42 15.30
CA GLU A 33 0.34 -13.72 16.69
C GLU A 33 1.72 -14.36 16.78
N ASN A 34 1.99 -15.34 15.93
CA ASN A 34 3.29 -16.01 15.94
C ASN A 34 4.44 -15.07 15.58
N ALA A 35 4.26 -14.29 14.52
CA ALA A 35 5.29 -13.35 14.09
C ALA A 35 5.64 -12.43 15.25
N LEU A 36 4.62 -11.99 15.98
CA LEU A 36 4.83 -11.11 17.13
C LEU A 36 5.64 -11.84 18.21
N ALA A 37 5.29 -13.09 18.46
CA ALA A 37 6.00 -13.87 19.48
C ALA A 37 7.43 -14.15 19.06
N ILE A 38 7.63 -14.49 17.80
CA ILE A 38 8.96 -14.81 17.27
C ILE A 38 9.87 -13.60 17.06
N TYR A 39 9.29 -12.50 16.58
CA TYR A 39 10.08 -11.30 16.29
C TYR A 39 9.82 -10.12 17.21
N GLY A 40 8.81 -10.24 18.07
CA GLY A 40 8.49 -9.15 18.97
C GLY A 40 7.86 -8.00 18.22
N ALA A 41 7.29 -7.05 18.95
CA ALA A 41 6.65 -5.89 18.34
C ALA A 41 7.73 -4.93 17.84
N PRO A 42 7.42 -4.14 16.79
CA PRO A 42 6.13 -4.14 16.10
C PRO A 42 6.12 -5.06 14.87
N ILE A 43 4.92 -5.44 14.43
CA ILE A 43 4.73 -6.28 13.25
C ILE A 43 3.70 -5.54 12.40
N TYR A 44 4.06 -5.19 11.17
CA TYR A 44 3.14 -4.47 10.29
C TYR A 44 2.21 -5.38 9.49
N VAL A 45 0.94 -5.00 9.44
CA VAL A 45 -0.06 -5.77 8.69
C VAL A 45 -0.80 -4.84 7.74
N ARG A 46 -0.83 -5.20 6.46
CA ARG A 46 -1.54 -4.38 5.47
C ARG A 46 -3.03 -4.68 5.50
N HIS A 47 -3.82 -3.73 5.99
CA HIS A 47 -5.27 -3.88 6.10
C HIS A 47 -5.57 -4.78 7.30
N GLU A 48 -6.77 -4.67 7.87
CA GLU A 48 -7.16 -5.51 9.00
C GLU A 48 -6.91 -6.96 8.60
N VAL A 49 -6.18 -7.71 9.42
CA VAL A 49 -5.85 -9.10 9.11
C VAL A 49 -7.11 -9.89 8.74
N VAL A 50 -8.19 -9.65 9.48
CA VAL A 50 -9.49 -10.25 9.21
C VAL A 50 -10.47 -9.14 9.58
N HIS A 51 -11.68 -9.19 9.03
CA HIS A 51 -12.65 -8.14 9.30
C HIS A 51 -13.43 -8.26 10.62
N ASN A 52 -12.72 -8.12 11.73
CA ASN A 52 -13.34 -8.16 13.04
C ASN A 52 -12.59 -7.17 13.93
N ARG A 53 -13.32 -6.20 14.49
CA ARG A 53 -12.68 -5.19 15.31
C ARG A 53 -12.07 -5.68 16.61
N TYR A 54 -12.67 -6.71 17.21
CA TYR A 54 -12.14 -7.26 18.44
C TYR A 54 -10.78 -7.91 18.16
N VAL A 55 -10.71 -8.67 17.08
CA VAL A 55 -9.47 -9.32 16.71
C VAL A 55 -8.42 -8.29 16.34
N VAL A 56 -8.81 -7.29 15.56
CA VAL A 56 -7.87 -6.25 15.14
C VAL A 56 -7.40 -5.42 16.34
N ASP A 57 -8.35 -4.97 17.16
CA ASP A 57 -8.00 -4.19 18.34
C ASP A 57 -7.09 -5.00 19.25
N SER A 58 -7.47 -6.25 19.50
CA SER A 58 -6.66 -7.13 20.34
C SER A 58 -5.21 -7.16 19.85
N LEU A 59 -5.02 -7.48 18.57
CA LEU A 59 -3.68 -7.55 18.00
C LEU A 59 -2.94 -6.22 18.08
N ARG A 60 -3.66 -5.14 17.85
CA ARG A 60 -3.05 -3.82 17.89
C ARG A 60 -2.47 -3.57 19.27
N GLU A 61 -3.20 -4.04 20.28
CA GLU A 61 -2.80 -3.90 21.67
C GLU A 61 -1.57 -4.76 21.97
N ARG A 62 -1.36 -5.79 21.16
CA ARG A 62 -0.21 -6.69 21.31
C ARG A 62 1.01 -6.20 20.51
N GLY A 63 0.82 -5.12 19.74
CA GLY A 63 1.93 -4.59 18.98
C GLY A 63 1.78 -4.57 17.48
N ALA A 64 0.73 -5.20 16.96
CA ALA A 64 0.51 -5.22 15.52
C ALA A 64 0.15 -3.81 15.06
N ILE A 65 0.71 -3.39 13.94
CA ILE A 65 0.42 -2.07 13.40
C ILE A 65 -0.25 -2.24 12.05
N PHE A 66 -1.52 -1.86 11.96
CA PHE A 66 -2.26 -2.00 10.71
C PHE A 66 -2.16 -0.74 9.86
N ILE A 67 -1.47 -0.87 8.73
CA ILE A 67 -1.29 0.26 7.82
C ILE A 67 -2.14 0.09 6.58
N GLU A 68 -2.18 1.12 5.75
CA GLU A 68 -2.98 1.08 4.54
C GLU A 68 -2.14 0.85 3.28
N GLN A 69 -0.97 1.46 3.24
CA GLN A 69 -0.07 1.30 2.10
C GLN A 69 1.30 0.80 2.54
N ILE A 70 1.91 -0.04 1.72
CA ILE A 70 3.23 -0.58 2.06
C ILE A 70 4.21 0.57 2.23
N SER A 71 3.87 1.72 1.65
CA SER A 71 4.69 2.92 1.71
C SER A 71 4.94 3.31 3.16
N GLU A 72 3.97 3.02 4.02
CA GLU A 72 4.05 3.34 5.45
C GLU A 72 4.93 2.39 6.24
N VAL A 73 5.42 1.34 5.59
CA VAL A 73 6.26 0.36 6.30
C VAL A 73 7.74 0.65 6.16
N PRO A 74 8.46 0.74 7.29
CA PRO A 74 9.90 1.02 7.32
C PRO A 74 10.73 -0.16 6.84
N ASP A 75 11.92 0.13 6.32
CA ASP A 75 12.82 -0.91 5.83
C ASP A 75 13.27 -1.77 7.00
N GLY A 76 13.49 -3.05 6.72
CA GLY A 76 13.94 -3.98 7.74
C GLY A 76 12.81 -4.55 8.57
N ALA A 77 11.60 -4.04 8.36
CA ALA A 77 10.43 -4.50 9.10
C ALA A 77 9.82 -5.80 8.56
N ILE A 78 8.86 -6.33 9.30
CA ILE A 78 8.15 -7.55 8.91
C ILE A 78 6.75 -7.11 8.50
N LEU A 79 6.32 -7.56 7.31
CA LEU A 79 5.01 -7.18 6.79
C LEU A 79 4.17 -8.44 6.58
N ILE A 80 2.90 -8.36 6.95
CA ILE A 80 1.98 -9.49 6.79
C ILE A 80 0.84 -9.07 5.86
N PHE A 81 0.52 -9.90 4.88
CA PHE A 81 -0.60 -9.59 3.98
C PHE A 81 -1.83 -10.14 4.69
N SER A 82 -2.95 -9.42 4.62
CA SER A 82 -4.18 -9.88 5.29
C SER A 82 -4.75 -11.14 4.64
N ALA A 83 -5.73 -11.75 5.31
CA ALA A 83 -6.36 -12.97 4.83
C ALA A 83 -7.13 -12.82 3.52
N HIS A 84 -7.58 -11.61 3.22
CA HIS A 84 -8.35 -11.33 2.01
C HIS A 84 -7.53 -11.35 0.71
N GLY A 85 -6.21 -11.31 0.81
CA GLY A 85 -5.37 -11.34 -0.37
C GLY A 85 -5.00 -9.98 -0.93
N VAL A 86 -4.01 -9.96 -1.82
CA VAL A 86 -3.53 -8.74 -2.44
C VAL A 86 -3.24 -8.93 -3.92
N SER A 87 -3.24 -7.82 -4.64
CA SER A 87 -2.97 -7.82 -6.06
C SER A 87 -1.49 -8.07 -6.33
N GLN A 88 -1.18 -8.41 -7.58
CA GLN A 88 0.21 -8.64 -7.96
C GLN A 88 1.06 -7.38 -7.81
N ALA A 89 0.44 -6.21 -8.01
CA ALA A 89 1.16 -4.95 -7.87
C ALA A 89 1.63 -4.81 -6.43
N VAL A 90 0.72 -5.08 -5.50
CA VAL A 90 1.04 -5.00 -4.07
C VAL A 90 2.11 -6.04 -3.72
N ARG A 91 1.96 -7.25 -4.25
CA ARG A 91 2.93 -8.31 -3.99
C ARG A 91 4.31 -7.93 -4.53
N ASN A 92 4.35 -7.43 -5.76
CA ASN A 92 5.62 -7.04 -6.38
C ASN A 92 6.27 -5.85 -5.65
N GLU A 93 5.43 -4.93 -5.18
CA GLU A 93 5.92 -3.77 -4.46
C GLU A 93 6.61 -4.22 -3.18
N ALA A 94 6.01 -5.19 -2.50
CA ALA A 94 6.58 -5.71 -1.26
C ALA A 94 7.90 -6.43 -1.53
N LYS A 95 7.93 -7.21 -2.62
CA LYS A 95 9.14 -7.96 -2.97
C LYS A 95 10.32 -7.06 -3.34
N SER A 96 10.03 -5.87 -3.85
CA SER A 96 11.09 -4.94 -4.25
C SER A 96 11.60 -4.11 -3.07
N ARG A 97 10.90 -4.21 -1.94
CA ARG A 97 11.28 -3.48 -0.73
C ARG A 97 12.12 -4.34 0.19
N ASP A 98 12.88 -3.70 1.07
CA ASP A 98 13.72 -4.43 2.02
C ASP A 98 12.85 -4.77 3.23
N LEU A 99 12.00 -5.78 3.05
CA LEU A 99 11.09 -6.21 4.10
C LEU A 99 11.00 -7.74 4.15
N THR A 100 10.63 -8.27 5.30
CA THR A 100 10.45 -9.70 5.46
C THR A 100 8.93 -9.83 5.35
N VAL A 101 8.46 -10.56 4.35
CA VAL A 101 7.02 -10.68 4.17
C VAL A 101 6.42 -12.07 4.41
N PHE A 102 5.27 -12.07 5.09
CA PHE A 102 4.54 -13.31 5.36
C PHE A 102 3.15 -13.11 4.78
N ASP A 103 2.69 -14.08 3.99
CA ASP A 103 1.39 -14.00 3.33
C ASP A 103 0.27 -14.76 4.07
N ALA A 104 -0.64 -14.02 4.70
CA ALA A 104 -1.73 -14.65 5.43
C ALA A 104 -2.97 -14.89 4.57
N THR A 105 -2.86 -14.63 3.26
CA THR A 105 -3.99 -14.84 2.35
C THR A 105 -4.52 -16.26 2.57
N CYS A 106 -5.83 -16.40 2.69
CA CYS A 106 -6.41 -17.72 2.89
C CYS A 106 -6.16 -18.57 1.64
N PRO A 107 -5.75 -19.83 1.82
CA PRO A 107 -5.49 -20.69 0.67
C PRO A 107 -6.67 -20.77 -0.30
N LEU A 108 -7.89 -20.58 0.21
CA LEU A 108 -9.07 -20.66 -0.64
C LEU A 108 -9.23 -19.43 -1.54
N VAL A 109 -8.62 -18.32 -1.14
CA VAL A 109 -8.68 -17.12 -1.97
C VAL A 109 -7.54 -17.26 -2.98
N THR A 110 -6.40 -17.75 -2.51
CA THR A 110 -5.23 -17.95 -3.37
C THR A 110 -5.62 -18.86 -4.54
N LYS A 111 -6.47 -19.84 -4.27
CA LYS A 111 -6.91 -20.75 -5.32
C LYS A 111 -7.61 -19.97 -6.45
N VAL A 112 -8.44 -19.00 -6.10
CA VAL A 112 -9.13 -18.23 -7.13
C VAL A 112 -8.09 -17.38 -7.86
N HIS A 113 -7.14 -16.83 -7.09
CA HIS A 113 -6.07 -16.02 -7.67
C HIS A 113 -5.39 -16.75 -8.83
N MET A 114 -4.95 -17.98 -8.57
CA MET A 114 -4.27 -18.80 -9.58
C MET A 114 -5.06 -18.97 -10.87
N GLU A 115 -6.39 -19.09 -10.76
CA GLU A 115 -7.21 -19.26 -11.94
C GLU A 115 -7.27 -17.98 -12.75
N VAL A 116 -7.31 -16.85 -12.05
CA VAL A 116 -7.33 -15.55 -12.71
C VAL A 116 -6.00 -15.32 -13.41
N ALA A 117 -4.92 -15.70 -12.75
CA ALA A 117 -3.58 -15.53 -13.31
C ALA A 117 -3.46 -16.39 -14.56
N ARG A 118 -4.11 -17.55 -14.54
CA ARG A 118 -4.10 -18.47 -15.68
C ARG A 118 -4.78 -17.83 -16.88
N ALA A 119 -6.05 -17.46 -16.73
CA ALA A 119 -6.79 -16.84 -17.81
C ALA A 119 -6.00 -15.69 -18.42
N SER A 120 -5.34 -14.92 -17.55
CA SER A 120 -4.54 -13.78 -17.97
C SER A 120 -3.41 -14.22 -18.89
N ARG A 121 -2.73 -15.32 -18.53
CA ARG A 121 -1.63 -15.84 -19.34
C ARG A 121 -2.14 -16.46 -20.63
N ARG A 122 -3.45 -16.52 -20.79
CA ARG A 122 -4.06 -17.08 -21.99
C ARG A 122 -4.80 -16.00 -22.77
N GLY A 123 -4.56 -14.75 -22.40
CA GLY A 123 -5.22 -13.64 -23.07
C GLY A 123 -6.73 -13.73 -23.12
N GLU A 124 -7.30 -14.66 -22.36
CA GLU A 124 -8.74 -14.84 -22.35
C GLU A 124 -9.37 -13.97 -21.27
N GLU A 125 -10.50 -13.35 -21.60
CA GLU A 125 -11.20 -12.48 -20.65
C GLU A 125 -11.88 -13.27 -19.54
N SER A 126 -11.93 -12.67 -18.35
CA SER A 126 -12.55 -13.29 -17.20
C SER A 126 -13.54 -12.34 -16.53
N ILE A 127 -14.58 -12.92 -15.92
CA ILE A 127 -15.61 -12.17 -15.22
C ILE A 127 -15.61 -12.58 -13.75
N LEU A 128 -15.56 -11.60 -12.85
CA LEU A 128 -15.55 -11.89 -11.43
C LEU A 128 -16.90 -11.49 -10.81
N ILE A 129 -17.51 -12.41 -10.09
CA ILE A 129 -18.76 -12.07 -9.41
C ILE A 129 -18.32 -11.66 -8.01
N GLY A 130 -18.61 -10.43 -7.61
CA GLY A 130 -18.19 -9.97 -6.30
C GLY A 130 -18.66 -8.57 -6.02
N HIS A 131 -18.34 -8.05 -4.83
CA HIS A 131 -18.78 -6.72 -4.46
C HIS A 131 -17.66 -5.69 -4.64
N ALA A 132 -17.92 -4.66 -5.42
CA ALA A 132 -16.93 -3.63 -5.69
C ALA A 132 -16.45 -2.97 -4.40
N GLY A 133 -15.14 -2.74 -4.31
CA GLY A 133 -14.58 -2.10 -3.13
C GLY A 133 -13.99 -3.06 -2.12
N HIS A 134 -14.52 -4.28 -2.06
CA HIS A 134 -14.00 -5.25 -1.10
C HIS A 134 -12.57 -5.66 -1.47
N PRO A 135 -11.67 -5.69 -0.48
CA PRO A 135 -10.26 -6.05 -0.70
C PRO A 135 -10.03 -7.36 -1.44
N GLU A 136 -10.87 -8.37 -1.21
CA GLU A 136 -10.66 -9.64 -1.92
C GLU A 136 -10.84 -9.43 -3.42
N VAL A 137 -11.79 -8.57 -3.78
CA VAL A 137 -12.07 -8.28 -5.18
C VAL A 137 -10.88 -7.55 -5.80
N GLU A 138 -10.32 -6.59 -5.07
CA GLU A 138 -9.15 -5.88 -5.59
C GLU A 138 -8.01 -6.87 -5.77
N GLY A 139 -7.80 -7.71 -4.75
CA GLY A 139 -6.74 -8.69 -4.82
C GLY A 139 -6.91 -9.65 -5.98
N THR A 140 -8.13 -10.17 -6.15
CA THR A 140 -8.40 -11.12 -7.23
C THR A 140 -8.32 -10.48 -8.61
N MET A 141 -9.04 -9.38 -8.80
CA MET A 141 -8.97 -8.72 -10.10
C MET A 141 -7.52 -8.28 -10.33
N GLY A 142 -6.81 -8.08 -9.22
CA GLY A 142 -5.42 -7.68 -9.28
C GLY A 142 -4.50 -8.78 -9.80
N GLN A 143 -5.06 -9.95 -10.07
CA GLN A 143 -4.25 -11.05 -10.59
C GLN A 143 -4.27 -11.05 -12.11
N TYR A 144 -5.06 -10.15 -12.71
CA TYR A 144 -5.15 -10.06 -14.17
C TYR A 144 -4.23 -8.96 -14.66
N SER A 145 -3.38 -9.27 -15.64
CA SER A 145 -2.42 -8.29 -16.15
C SER A 145 -2.56 -8.00 -17.64
N ASN A 146 -2.60 -9.05 -18.44
CA ASN A 146 -2.68 -8.97 -19.89
C ASN A 146 -3.64 -7.91 -20.44
N PRO A 147 -3.09 -6.87 -21.11
CA PRO A 147 -3.86 -5.77 -21.70
C PRO A 147 -4.74 -6.24 -22.85
N GLU A 148 -4.31 -7.30 -23.52
CA GLU A 148 -5.04 -7.84 -24.65
C GLU A 148 -6.33 -8.54 -24.27
N GLY A 149 -6.44 -8.94 -23.01
CA GLY A 149 -7.63 -9.62 -22.53
C GLY A 149 -8.55 -8.65 -21.82
N GLY A 150 -8.98 -9.04 -20.61
CA GLY A 150 -9.87 -8.18 -19.83
C GLY A 150 -10.33 -8.82 -18.55
N MET A 151 -10.55 -7.99 -17.54
CA MET A 151 -11.01 -8.43 -16.22
C MET A 151 -12.22 -7.57 -15.87
N TYR A 152 -13.39 -8.20 -15.74
CA TYR A 152 -14.60 -7.45 -15.44
C TYR A 152 -15.28 -7.91 -14.14
N LEU A 153 -15.95 -6.97 -13.47
CA LEU A 153 -16.65 -7.29 -12.23
C LEU A 153 -18.15 -7.16 -12.43
N VAL A 154 -18.91 -8.14 -11.92
CA VAL A 154 -20.37 -8.09 -12.01
C VAL A 154 -20.95 -8.45 -10.64
N GLU A 155 -21.90 -7.67 -10.16
CA GLU A 155 -22.48 -7.93 -8.86
C GLU A 155 -23.90 -8.49 -8.92
N SER A 156 -24.57 -8.30 -10.05
CA SER A 156 -25.94 -8.77 -10.18
C SER A 156 -26.26 -9.19 -11.61
N PRO A 157 -27.47 -9.71 -11.84
CA PRO A 157 -27.85 -10.13 -13.20
C PRO A 157 -27.88 -8.92 -14.12
N ASP A 158 -28.23 -7.76 -13.57
CA ASP A 158 -28.29 -6.52 -14.35
C ASP A 158 -26.92 -6.22 -14.94
N ASP A 159 -25.90 -6.22 -14.10
CA ASP A 159 -24.54 -5.95 -14.57
C ASP A 159 -24.23 -6.90 -15.71
N VAL A 160 -24.68 -8.15 -15.58
CA VAL A 160 -24.46 -9.16 -16.60
C VAL A 160 -25.17 -8.77 -17.89
N TRP A 161 -26.41 -8.31 -17.75
CA TRP A 161 -27.23 -7.89 -18.89
C TRP A 161 -26.56 -6.77 -19.68
N LYS A 162 -25.79 -5.93 -18.97
CA LYS A 162 -25.11 -4.80 -19.59
C LYS A 162 -23.63 -5.02 -19.88
N LEU A 163 -23.07 -6.14 -19.45
CA LEU A 163 -21.65 -6.42 -19.67
C LEU A 163 -21.31 -6.55 -21.16
N THR A 164 -20.20 -5.93 -21.54
CA THR A 164 -19.71 -5.96 -22.91
C THR A 164 -18.25 -6.41 -22.90
N VAL A 165 -17.94 -7.48 -23.63
CA VAL A 165 -16.59 -7.99 -23.68
C VAL A 165 -16.04 -7.99 -25.10
N LYS A 166 -14.79 -8.40 -25.26
CA LYS A 166 -14.12 -8.44 -26.56
C LYS A 166 -14.37 -9.73 -27.35
N ASN A 167 -14.32 -10.87 -26.66
CA ASN A 167 -14.51 -12.16 -27.31
C ASN A 167 -15.26 -13.10 -26.38
N GLU A 168 -16.58 -13.15 -26.50
CA GLU A 168 -17.36 -14.03 -25.63
C GLU A 168 -17.21 -15.51 -25.95
N GLU A 169 -16.32 -15.82 -26.90
CA GLU A 169 -16.08 -17.22 -27.27
C GLU A 169 -15.01 -17.78 -26.32
N LYS A 170 -14.18 -16.89 -25.79
CA LYS A 170 -13.12 -17.28 -24.87
C LYS A 170 -13.31 -16.49 -23.58
N LEU A 171 -14.25 -16.96 -22.76
CA LEU A 171 -14.58 -16.29 -21.52
C LEU A 171 -14.68 -17.27 -20.36
N SER A 172 -14.30 -16.82 -19.16
CA SER A 172 -14.38 -17.63 -17.96
C SER A 172 -14.80 -16.73 -16.80
N PHE A 173 -15.30 -17.33 -15.72
CA PHE A 173 -15.69 -16.54 -14.56
C PHE A 173 -15.20 -17.17 -13.26
N MET A 174 -15.17 -16.35 -12.21
CA MET A 174 -14.75 -16.79 -10.88
C MET A 174 -15.63 -16.01 -9.91
N THR A 175 -15.55 -16.32 -8.62
CA THR A 175 -16.37 -15.57 -7.67
C THR A 175 -15.65 -15.28 -6.36
N GLN A 176 -16.17 -14.27 -5.66
CA GLN A 176 -15.66 -13.90 -4.36
C GLN A 176 -16.04 -15.12 -3.51
N THR A 177 -15.26 -15.40 -2.47
CA THR A 177 -15.48 -16.56 -1.61
C THR A 177 -16.53 -16.45 -0.51
N THR A 178 -16.96 -15.24 -0.20
CA THR A 178 -17.93 -15.03 0.88
C THR A 178 -19.31 -14.55 0.42
N LEU A 179 -19.64 -14.75 -0.84
CA LEU A 179 -20.91 -14.32 -1.38
C LEU A 179 -22.10 -15.15 -0.91
N SER A 180 -23.29 -14.62 -1.14
CA SER A 180 -24.54 -15.31 -0.81
C SER A 180 -24.65 -16.43 -1.85
N VAL A 181 -24.79 -17.66 -1.39
CA VAL A 181 -24.91 -18.79 -2.32
C VAL A 181 -26.07 -18.59 -3.29
N ASP A 182 -27.23 -18.18 -2.77
CA ASP A 182 -28.43 -17.97 -3.58
C ASP A 182 -28.30 -16.89 -4.65
N ASP A 183 -27.87 -15.69 -4.24
CA ASP A 183 -27.72 -14.58 -5.18
C ASP A 183 -26.67 -14.91 -6.24
N THR A 184 -25.58 -15.54 -5.83
CA THR A 184 -24.52 -15.90 -6.76
C THR A 184 -25.07 -16.83 -7.83
N SER A 185 -25.94 -17.74 -7.40
CA SER A 185 -26.55 -18.70 -8.31
C SER A 185 -27.34 -17.96 -9.39
N ASP A 186 -28.00 -16.89 -9.01
CA ASP A 186 -28.77 -16.08 -9.96
C ASP A 186 -27.85 -15.41 -10.97
N VAL A 187 -26.75 -14.85 -10.48
CA VAL A 187 -25.79 -14.20 -11.35
C VAL A 187 -25.25 -15.21 -12.37
N ILE A 188 -24.87 -16.38 -11.88
CA ILE A 188 -24.33 -17.43 -12.74
C ILE A 188 -25.32 -17.78 -13.86
N ASP A 189 -26.58 -18.00 -13.48
CA ASP A 189 -27.62 -18.33 -14.46
C ASP A 189 -27.64 -17.30 -15.57
N ALA A 190 -27.56 -16.03 -15.19
CA ALA A 190 -27.57 -14.93 -16.14
C ALA A 190 -26.35 -15.01 -17.05
N LEU A 191 -25.19 -15.29 -16.45
CA LEU A 191 -23.95 -15.41 -17.21
C LEU A 191 -24.06 -16.49 -18.27
N ARG A 192 -24.61 -17.64 -17.89
CA ARG A 192 -24.72 -18.75 -18.82
C ARG A 192 -25.75 -18.52 -19.92
N LYS A 193 -26.78 -17.73 -19.65
CA LYS A 193 -27.80 -17.43 -20.66
C LYS A 193 -27.27 -16.38 -21.63
N ARG A 194 -26.45 -15.47 -21.12
CA ARG A 194 -25.89 -14.40 -21.92
C ARG A 194 -24.65 -14.86 -22.69
N PHE A 195 -23.81 -15.66 -22.04
CA PHE A 195 -22.58 -16.16 -22.65
C PHE A 195 -22.56 -17.69 -22.56
N PRO A 196 -23.37 -18.36 -23.39
CA PRO A 196 -23.42 -19.83 -23.37
C PRO A 196 -22.09 -20.59 -23.47
N LYS A 197 -21.02 -19.92 -23.88
CA LYS A 197 -19.72 -20.59 -23.98
C LYS A 197 -18.81 -20.28 -22.80
N ILE A 198 -19.32 -19.51 -21.84
CA ILE A 198 -18.52 -19.16 -20.68
C ILE A 198 -18.18 -20.40 -19.85
N VAL A 199 -16.98 -20.40 -19.28
CA VAL A 199 -16.51 -21.51 -18.46
C VAL A 199 -16.15 -21.08 -17.04
N GLY A 200 -16.45 -21.95 -16.09
CA GLY A 200 -16.14 -21.66 -14.71
C GLY A 200 -16.05 -22.94 -13.90
N PRO A 201 -16.11 -22.83 -12.57
CA PRO A 201 -16.03 -24.04 -11.74
C PRO A 201 -17.33 -24.81 -11.91
N ARG A 202 -17.49 -25.92 -11.19
CA ARG A 202 -18.71 -26.69 -11.31
C ARG A 202 -19.91 -25.85 -10.92
N LYS A 203 -19.69 -24.94 -9.98
CA LYS A 203 -20.74 -24.05 -9.51
C LYS A 203 -20.17 -22.65 -9.27
N ASP A 204 -19.44 -22.49 -8.17
CA ASP A 204 -18.84 -21.20 -7.85
C ASP A 204 -17.54 -21.36 -7.08
N ASP A 205 -17.05 -20.26 -6.56
CA ASP A 205 -15.82 -20.26 -5.77
C ASP A 205 -16.13 -19.96 -4.31
N ILE A 206 -17.41 -20.09 -3.93
CA ILE A 206 -17.81 -19.86 -2.55
C ILE A 206 -17.19 -21.01 -1.75
N CYS A 207 -16.48 -20.67 -0.69
CA CYS A 207 -15.80 -21.65 0.14
C CYS A 207 -16.74 -22.47 1.03
N TYR A 208 -16.22 -23.57 1.54
CA TYR A 208 -16.99 -24.47 2.38
C TYR A 208 -17.52 -23.73 3.61
N ALA A 209 -16.69 -22.88 4.20
CA ALA A 209 -17.07 -22.15 5.40
C ALA A 209 -18.32 -21.30 5.17
N THR A 210 -18.31 -20.53 4.10
CA THR A 210 -19.44 -19.66 3.78
C THR A 210 -20.68 -20.48 3.48
N THR A 211 -20.52 -21.50 2.66
CA THR A 211 -21.65 -22.35 2.33
C THR A 211 -22.23 -22.94 3.61
N ASN A 212 -21.38 -23.54 4.43
CA ASN A 212 -21.82 -24.16 5.68
C ASN A 212 -22.51 -23.19 6.65
N ARG A 213 -21.92 -22.02 6.84
CA ARG A 213 -22.50 -21.05 7.76
C ARG A 213 -23.84 -20.54 7.29
N GLN A 214 -24.02 -20.49 5.98
CA GLN A 214 -25.29 -20.06 5.43
C GLN A 214 -26.30 -21.21 5.64
N GLU A 215 -25.89 -22.45 5.35
CA GLU A 215 -26.80 -23.58 5.56
C GLU A 215 -27.28 -23.52 7.02
N ALA A 216 -26.31 -23.40 7.92
CA ALA A 216 -26.58 -23.36 9.36
C ALA A 216 -27.48 -22.23 9.83
N VAL A 217 -27.31 -21.04 9.27
CA VAL A 217 -28.15 -19.92 9.70
C VAL A 217 -29.58 -20.14 9.21
N ARG A 218 -29.71 -20.85 8.09
CA ARG A 218 -31.04 -21.11 7.54
C ARG A 218 -31.81 -22.03 8.50
N ALA A 219 -31.15 -23.08 8.97
CA ALA A 219 -31.76 -24.01 9.91
C ALA A 219 -32.07 -23.27 11.22
N LEU A 220 -31.19 -22.35 11.59
CA LEU A 220 -31.37 -21.58 12.82
C LEU A 220 -32.61 -20.70 12.76
N ALA A 221 -32.70 -19.89 11.70
CA ALA A 221 -33.82 -18.98 11.51
C ALA A 221 -35.19 -19.64 11.48
N GLU A 222 -35.31 -20.78 10.79
CA GLU A 222 -36.59 -21.46 10.72
C GLU A 222 -37.05 -21.92 12.10
N GLN A 223 -36.32 -21.52 13.13
CA GLN A 223 -36.64 -21.90 14.48
C GLN A 223 -36.60 -20.71 15.44
N ALA A 224 -35.77 -19.71 15.14
CA ALA A 224 -35.66 -18.54 16.00
C ALA A 224 -36.41 -17.35 15.42
N GLU A 225 -36.98 -16.53 16.31
CA GLU A 225 -37.71 -15.34 15.90
C GLU A 225 -36.72 -14.23 15.61
N VAL A 226 -35.68 -14.19 16.43
CA VAL A 226 -34.63 -13.17 16.32
C VAL A 226 -33.29 -13.87 16.13
N VAL A 227 -32.47 -13.32 15.23
CA VAL A 227 -31.15 -13.87 14.95
C VAL A 227 -30.09 -12.82 15.13
N LEU A 228 -29.13 -13.09 16.01
CA LEU A 228 -28.02 -12.17 16.25
C LEU A 228 -26.79 -12.76 15.56
N VAL A 229 -26.15 -11.96 14.72
CA VAL A 229 -24.95 -12.42 14.01
C VAL A 229 -23.74 -11.64 14.51
N VAL A 230 -22.85 -12.32 15.21
CA VAL A 230 -21.64 -11.68 15.72
C VAL A 230 -20.69 -11.48 14.54
N GLY A 231 -20.37 -10.22 14.26
CA GLY A 231 -19.49 -9.89 13.16
C GLY A 231 -19.41 -8.38 12.97
N SER A 232 -18.36 -7.91 12.31
CA SER A 232 -18.18 -6.48 12.08
C SER A 232 -18.87 -6.04 10.80
N LYS A 233 -19.23 -4.76 10.73
CA LYS A 233 -19.91 -4.21 9.57
C LYS A 233 -19.21 -4.44 8.25
N ASN A 234 -17.88 -4.46 8.27
CA ASN A 234 -17.09 -4.64 7.07
C ASN A 234 -16.78 -6.10 6.75
N SER A 235 -17.47 -7.01 7.42
CA SER A 235 -17.27 -8.44 7.16
C SER A 235 -18.32 -8.90 6.16
N SER A 236 -17.89 -9.17 4.94
CA SER A 236 -18.79 -9.63 3.87
C SER A 236 -19.61 -10.86 4.27
N ASN A 237 -18.92 -11.93 4.67
CA ASN A 237 -19.61 -13.17 5.04
C ASN A 237 -20.57 -12.97 6.21
N SER A 238 -20.19 -12.13 7.17
CA SER A 238 -21.05 -11.86 8.33
C SER A 238 -22.35 -11.22 7.87
N ASN A 239 -22.23 -10.19 7.02
CA ASN A 239 -23.42 -9.51 6.50
C ASN A 239 -24.33 -10.51 5.81
N ARG A 240 -23.74 -11.40 5.02
CA ARG A 240 -24.50 -12.43 4.30
C ARG A 240 -25.39 -13.22 5.27
N LEU A 241 -24.81 -13.61 6.39
CA LEU A 241 -25.52 -14.37 7.41
C LEU A 241 -26.75 -13.59 7.90
N ALA A 242 -26.54 -12.34 8.30
CA ALA A 242 -27.63 -11.50 8.79
C ALA A 242 -28.74 -11.29 7.76
N GLU A 243 -28.35 -11.00 6.52
CA GLU A 243 -29.35 -10.78 5.47
C GLU A 243 -30.16 -12.04 5.14
N LEU A 244 -29.51 -13.19 5.13
CA LEU A 244 -30.22 -14.43 4.82
C LEU A 244 -31.33 -14.61 5.85
N ALA A 245 -31.02 -14.32 7.11
CA ALA A 245 -31.96 -14.45 8.21
C ALA A 245 -33.14 -13.49 8.02
N GLN A 246 -32.82 -12.24 7.71
CA GLN A 246 -33.83 -11.21 7.47
C GLN A 246 -34.66 -11.56 6.25
N ARG A 247 -34.07 -12.34 5.35
CA ARG A 247 -34.74 -12.75 4.13
C ARG A 247 -35.89 -13.70 4.48
N MET A 248 -35.64 -14.54 5.48
CA MET A 248 -36.61 -15.52 5.92
C MET A 248 -37.65 -14.94 6.88
N GLY A 249 -37.73 -13.60 6.94
CA GLY A 249 -38.70 -12.94 7.79
C GLY A 249 -38.32 -12.71 9.24
N LYS A 250 -37.15 -13.21 9.64
CA LYS A 250 -36.71 -13.04 11.02
C LYS A 250 -35.96 -11.72 11.22
N ARG A 251 -36.14 -11.13 12.39
CA ARG A 251 -35.43 -9.89 12.70
C ARG A 251 -33.99 -10.31 12.99
N ALA A 252 -33.05 -9.77 12.20
CA ALA A 252 -31.66 -10.12 12.37
C ALA A 252 -30.84 -8.88 12.70
N PHE A 253 -29.79 -9.08 13.50
CA PHE A 253 -28.91 -7.98 13.89
C PHE A 253 -27.44 -8.37 13.78
N LEU A 254 -26.65 -7.47 13.20
CA LEU A 254 -25.21 -7.69 13.05
C LEU A 254 -24.57 -6.92 14.21
N ILE A 255 -23.97 -7.65 15.14
CA ILE A 255 -23.36 -7.03 16.31
C ILE A 255 -21.90 -7.44 16.53
N ASP A 256 -21.08 -6.48 16.96
CA ASP A 256 -19.67 -6.74 17.22
C ASP A 256 -19.44 -7.46 18.54
N ASP A 257 -20.31 -7.24 19.51
CA ASP A 257 -20.20 -7.89 20.82
C ASP A 257 -21.46 -7.73 21.65
N ALA A 258 -21.46 -8.32 22.85
CA ALA A 258 -22.60 -8.28 23.75
C ALA A 258 -23.12 -6.87 24.04
N LYS A 259 -22.19 -5.92 24.13
CA LYS A 259 -22.55 -4.52 24.42
C LYS A 259 -23.51 -3.90 23.42
N ASP A 260 -23.63 -4.51 22.24
CA ASP A 260 -24.51 -3.97 21.21
C ASP A 260 -25.95 -4.43 21.33
N ILE A 261 -26.19 -5.50 22.09
CA ILE A 261 -27.54 -6.01 22.26
C ILE A 261 -28.44 -5.00 22.98
N GLN A 262 -29.65 -4.82 22.46
CA GLN A 262 -30.62 -3.89 23.04
C GLN A 262 -31.77 -4.72 23.63
N GLU A 263 -32.16 -4.40 24.85
CA GLU A 263 -33.24 -5.12 25.51
C GLU A 263 -34.44 -5.21 24.57
N GLU A 264 -34.79 -4.07 23.99
CA GLU A 264 -35.92 -3.98 23.07
C GLU A 264 -35.93 -5.09 22.02
N TRP A 265 -34.74 -5.47 21.55
CA TRP A 265 -34.59 -6.52 20.53
C TRP A 265 -35.11 -7.90 20.93
N VAL A 266 -34.84 -8.31 22.15
CA VAL A 266 -35.28 -9.63 22.61
C VAL A 266 -36.48 -9.55 23.55
N LYS A 267 -37.11 -8.38 23.59
CA LYS A 267 -38.26 -8.14 24.43
C LYS A 267 -39.44 -9.03 24.08
N GLU A 268 -39.75 -9.96 24.98
CA GLU A 268 -40.85 -10.89 24.80
C GLU A 268 -40.60 -11.94 23.73
N VAL A 269 -39.33 -12.17 23.41
CA VAL A 269 -38.97 -13.16 22.40
C VAL A 269 -38.78 -14.51 23.10
N LYS A 270 -39.49 -15.53 22.62
CA LYS A 270 -39.40 -16.86 23.22
C LYS A 270 -38.22 -17.68 22.68
N CYS A 271 -37.64 -17.22 21.58
CA CYS A 271 -36.51 -17.93 20.99
C CYS A 271 -35.61 -16.99 20.20
N VAL A 272 -34.36 -16.88 20.64
CA VAL A 272 -33.38 -16.03 19.97
C VAL A 272 -32.23 -16.89 19.43
N GLY A 273 -31.84 -16.64 18.19
CA GLY A 273 -30.77 -17.41 17.60
C GLY A 273 -29.47 -16.63 17.52
N VAL A 274 -28.36 -17.32 17.73
CA VAL A 274 -27.05 -16.67 17.67
C VAL A 274 -26.05 -17.42 16.81
N THR A 275 -25.38 -16.67 15.95
CA THR A 275 -24.35 -17.25 15.11
C THR A 275 -23.22 -16.23 14.99
N ALA A 276 -22.14 -16.64 14.34
CA ALA A 276 -21.00 -15.77 14.18
C ALA A 276 -20.38 -15.92 12.81
N GLY A 277 -19.92 -14.81 12.27
CA GLY A 277 -19.26 -14.78 10.98
C GLY A 277 -17.95 -15.54 11.10
N ALA A 278 -17.32 -15.82 9.97
CA ALA A 278 -16.08 -16.58 9.94
C ALA A 278 -14.88 -15.89 10.60
N SER A 279 -15.02 -14.60 10.91
CA SER A 279 -13.93 -13.86 11.51
C SER A 279 -14.16 -13.46 12.98
N ALA A 280 -15.25 -13.97 13.57
CA ALA A 280 -15.59 -13.65 14.96
C ALA A 280 -15.22 -14.74 15.96
N PRO A 281 -14.34 -14.43 16.92
CA PRO A 281 -13.91 -15.39 17.95
C PRO A 281 -15.05 -15.91 18.81
N ASP A 282 -14.93 -17.16 19.23
CA ASP A 282 -15.95 -17.79 20.06
C ASP A 282 -16.18 -17.07 21.40
N ILE A 283 -15.15 -16.44 21.93
CA ILE A 283 -15.30 -15.74 23.21
C ILE A 283 -16.40 -14.68 23.06
N LEU A 284 -16.47 -14.03 21.89
CA LEU A 284 -17.49 -13.01 21.65
C LEU A 284 -18.87 -13.63 21.73
N VAL A 285 -19.01 -14.85 21.21
CA VAL A 285 -20.29 -15.54 21.25
C VAL A 285 -20.64 -15.86 22.70
N GLN A 286 -19.66 -16.39 23.44
CA GLN A 286 -19.85 -16.74 24.83
C GLN A 286 -20.41 -15.58 25.64
N ASN A 287 -19.87 -14.38 25.40
CA ASN A 287 -20.35 -13.19 26.10
C ASN A 287 -21.75 -12.80 25.64
N VAL A 288 -22.07 -13.12 24.38
CA VAL A 288 -23.39 -12.81 23.83
C VAL A 288 -24.44 -13.65 24.56
N VAL A 289 -24.12 -14.92 24.79
CA VAL A 289 -25.04 -15.80 25.49
C VAL A 289 -25.21 -15.33 26.92
N ALA A 290 -24.11 -14.84 27.51
CA ALA A 290 -24.15 -14.36 28.89
C ALA A 290 -25.09 -13.16 29.02
N ARG A 291 -24.98 -12.21 28.10
CA ARG A 291 -25.83 -11.02 28.11
C ARG A 291 -27.28 -11.43 27.88
N LEU A 292 -27.49 -12.40 26.99
CA LEU A 292 -28.85 -12.87 26.69
C LEU A 292 -29.48 -13.57 27.89
N GLN A 293 -28.66 -14.26 28.67
CA GLN A 293 -29.15 -14.97 29.83
C GLN A 293 -29.41 -14.01 30.99
N GLN A 294 -28.62 -12.94 31.06
CA GLN A 294 -28.82 -11.97 32.12
C GLN A 294 -29.93 -11.04 31.64
N LEU A 295 -30.57 -11.46 30.56
CA LEU A 295 -31.65 -10.71 29.96
C LEU A 295 -32.86 -11.63 29.82
N GLY A 296 -32.78 -12.79 30.47
CA GLY A 296 -33.89 -13.74 30.42
C GLY A 296 -33.59 -15.10 29.85
N GLY A 297 -32.70 -15.15 28.87
CA GLY A 297 -32.38 -16.42 28.22
C GLY A 297 -32.00 -17.57 29.12
N GLY A 298 -32.24 -18.79 28.62
CA GLY A 298 -31.89 -19.99 29.37
C GLY A 298 -30.60 -20.55 28.83
N GLU A 299 -30.25 -21.77 29.24
CA GLU A 299 -29.01 -22.40 28.79
C GLU A 299 -28.96 -22.38 27.26
N ALA A 300 -27.75 -22.31 26.72
CA ALA A 300 -27.57 -22.29 25.27
C ALA A 300 -27.63 -23.69 24.69
N ILE A 301 -28.47 -23.86 23.67
CA ILE A 301 -28.59 -25.16 23.02
C ILE A 301 -28.00 -25.12 21.62
N PRO A 302 -26.93 -25.89 21.38
CA PRO A 302 -26.28 -25.95 20.07
C PRO A 302 -27.05 -26.83 19.10
N LEU A 303 -27.39 -26.32 17.94
CA LEU A 303 -28.10 -27.12 16.95
C LEU A 303 -27.14 -28.13 16.32
N GLU A 304 -27.65 -29.26 15.87
CA GLU A 304 -26.80 -30.25 15.22
C GLU A 304 -26.38 -29.65 13.88
N GLY A 305 -25.16 -29.93 13.44
CA GLY A 305 -24.74 -29.35 12.18
C GLY A 305 -23.66 -30.06 11.38
N ARG A 306 -23.45 -29.56 10.17
CA ARG A 306 -22.44 -30.08 9.26
C ARG A 306 -21.08 -30.05 9.95
N GLU A 307 -20.32 -31.12 9.82
CA GLU A 307 -19.00 -31.18 10.44
C GLU A 307 -17.95 -30.53 9.54
N GLU A 308 -17.05 -29.79 10.15
CA GLU A 308 -15.96 -29.16 9.42
C GLU A 308 -14.68 -29.75 10.00
N ASN A 309 -13.76 -30.16 9.14
CA ASN A 309 -12.53 -30.75 9.64
C ASN A 309 -11.30 -30.15 8.99
N ILE A 310 -11.48 -29.09 8.22
CA ILE A 310 -10.34 -28.48 7.53
C ILE A 310 -9.49 -27.56 8.40
N VAL A 311 -8.18 -27.77 8.35
CA VAL A 311 -7.25 -26.93 9.09
C VAL A 311 -6.13 -26.48 8.15
N PHE A 312 -5.80 -25.20 8.20
CA PHE A 312 -4.72 -24.65 7.36
C PHE A 312 -3.58 -24.28 8.30
N GLU A 313 -2.44 -24.95 8.14
CA GLU A 313 -1.29 -24.68 8.99
C GLU A 313 -0.52 -23.42 8.63
N VAL A 314 0.08 -22.80 9.65
CA VAL A 314 0.89 -21.62 9.50
C VAL A 314 2.19 -21.99 8.79
N PRO A 315 2.78 -21.03 8.05
CA PRO A 315 4.03 -21.37 7.35
C PRO A 315 5.06 -21.89 8.37
N LYS A 316 5.84 -22.88 7.95
CA LYS A 316 6.85 -23.47 8.83
C LYS A 316 7.70 -22.44 9.55
N GLU A 317 8.06 -21.36 8.84
CA GLU A 317 8.88 -20.31 9.41
C GLU A 317 8.27 -19.63 10.63
N LEU A 318 6.94 -19.60 10.70
CA LEU A 318 6.28 -18.94 11.82
C LEU A 318 5.77 -19.83 12.95
N ARG A 319 6.14 -21.11 12.94
CA ARG A 319 5.66 -21.98 14.01
C ARG A 319 6.52 -21.83 15.26
N MET B 11 -17.83 18.04 -3.45
CA MET B 11 -16.46 17.81 -2.92
C MET B 11 -15.49 18.84 -3.49
N GLN B 12 -14.83 19.57 -2.60
CA GLN B 12 -13.88 20.59 -3.02
C GLN B 12 -12.54 19.93 -3.29
N ILE B 13 -11.88 20.36 -4.37
CA ILE B 13 -10.58 19.81 -4.72
C ILE B 13 -9.52 20.89 -4.54
N LEU B 14 -8.59 20.64 -3.63
CA LEU B 14 -7.52 21.58 -3.35
C LEU B 14 -6.19 21.09 -3.91
N LEU B 15 -5.38 22.04 -4.39
CA LEU B 15 -4.07 21.73 -4.94
C LEU B 15 -2.98 22.46 -4.16
N ALA B 16 -2.02 21.69 -3.65
CA ALA B 16 -0.90 22.24 -2.89
C ALA B 16 -0.02 23.11 -3.79
N ASN B 17 0.56 24.15 -3.21
CA ASN B 17 1.41 25.08 -3.96
C ASN B 17 2.61 25.46 -3.09
N PRO B 18 3.84 25.15 -3.55
CA PRO B 18 4.14 24.47 -4.82
C PRO B 18 4.02 22.95 -4.74
N ARG B 19 4.11 22.30 -5.88
CA ARG B 19 4.03 20.86 -5.98
C ARG B 19 4.70 20.46 -7.29
N GLY B 20 4.96 19.17 -7.44
CA GLY B 20 5.57 18.67 -8.66
C GLY B 20 7.03 18.98 -8.90
N PHE B 21 7.40 18.97 -10.17
CA PHE B 21 8.76 19.21 -10.63
C PHE B 21 9.61 20.25 -9.93
N CYS B 22 10.82 19.84 -9.57
CA CYS B 22 11.78 20.72 -8.94
C CYS B 22 12.76 21.03 -10.07
N ALA B 23 13.71 21.93 -9.84
CA ALA B 23 14.69 22.28 -10.86
C ALA B 23 15.59 21.11 -11.24
N GLY B 24 15.99 20.31 -10.26
CA GLY B 24 16.84 19.17 -10.52
C GLY B 24 16.21 18.13 -11.43
N VAL B 25 14.97 17.76 -11.12
CA VAL B 25 14.23 16.77 -11.91
C VAL B 25 14.03 17.25 -13.34
N ASP B 26 13.59 18.51 -13.47
CA ASP B 26 13.36 19.08 -14.78
C ASP B 26 14.64 19.02 -15.64
N ARG B 27 15.79 19.24 -15.01
CA ARG B 27 17.06 19.22 -15.72
C ARG B 27 17.47 17.80 -16.11
N ALA B 28 17.43 16.89 -15.16
CA ALA B 28 17.83 15.50 -15.43
C ALA B 28 17.05 14.91 -16.59
N ILE B 29 15.74 15.15 -16.63
CA ILE B 29 14.89 14.62 -17.70
C ILE B 29 15.29 15.26 -19.04
N SER B 30 15.43 16.58 -19.06
CA SER B 30 15.82 17.25 -20.28
C SER B 30 17.19 16.76 -20.76
N ILE B 31 18.03 16.33 -19.83
CA ILE B 31 19.35 15.83 -20.20
C ILE B 31 19.20 14.51 -20.98
N VAL B 32 18.39 13.59 -20.47
CA VAL B 32 18.18 12.32 -21.17
C VAL B 32 17.46 12.54 -22.51
N GLU B 33 16.41 13.35 -22.49
CA GLU B 33 15.67 13.64 -23.73
C GLU B 33 16.58 14.24 -24.79
N ASN B 34 17.37 15.24 -24.39
CA ASN B 34 18.27 15.91 -25.32
C ASN B 34 19.33 14.99 -25.91
N ALA B 35 19.89 14.11 -25.08
CA ALA B 35 20.92 13.19 -25.55
C ALA B 35 20.29 12.25 -26.57
N LEU B 36 19.08 11.78 -26.28
CA LEU B 36 18.38 10.90 -27.20
C LEU B 36 18.18 11.59 -28.55
N ALA B 37 17.85 12.87 -28.51
CA ALA B 37 17.62 13.63 -29.74
C ALA B 37 18.90 13.97 -30.49
N ILE B 38 20.01 14.10 -29.77
CA ILE B 38 21.28 14.43 -30.41
C ILE B 38 22.03 13.20 -30.94
N TYR B 39 22.06 12.14 -30.14
CA TYR B 39 22.77 10.92 -30.51
C TYR B 39 21.88 9.72 -30.84
N GLY B 40 20.57 9.88 -30.68
CA GLY B 40 19.66 8.77 -30.98
C GLY B 40 19.79 7.65 -29.97
N ALA B 41 18.88 6.69 -30.04
CA ALA B 41 18.89 5.56 -29.12
C ALA B 41 19.91 4.52 -29.57
N PRO B 42 20.39 3.68 -28.63
CA PRO B 42 20.02 3.73 -27.21
C PRO B 42 20.87 4.72 -26.43
N ILE B 43 20.41 5.03 -25.22
CA ILE B 43 21.11 5.94 -24.33
C ILE B 43 21.02 5.26 -22.97
N TYR B 44 22.16 4.84 -22.44
CA TYR B 44 22.15 4.17 -21.14
C TYR B 44 22.07 5.16 -19.99
N VAL B 45 21.30 4.80 -18.98
CA VAL B 45 21.14 5.64 -17.81
C VAL B 45 21.32 4.81 -16.54
N ARG B 46 22.24 5.21 -15.67
CA ARG B 46 22.46 4.45 -14.46
C ARG B 46 21.42 4.82 -13.41
N HIS B 47 20.50 3.89 -13.15
CA HIS B 47 19.42 4.04 -12.20
C HIS B 47 18.32 4.91 -12.82
N GLU B 48 17.08 4.80 -12.34
CA GLU B 48 15.99 5.61 -12.87
C GLU B 48 16.46 7.07 -12.82
N VAL B 49 16.36 7.79 -13.94
CA VAL B 49 16.82 9.18 -13.98
C VAL B 49 16.24 9.97 -12.81
N VAL B 50 14.96 9.72 -12.53
CA VAL B 50 14.25 10.33 -11.40
C VAL B 50 13.31 9.20 -10.96
N HIS B 51 12.92 9.21 -9.70
CA HIS B 51 12.04 8.15 -9.17
C HIS B 51 10.56 8.30 -9.53
N ASN B 52 10.25 8.13 -10.80
CA ASN B 52 8.89 8.22 -11.27
C ASN B 52 8.72 7.23 -12.43
N ARG B 53 7.83 6.27 -12.24
CA ARG B 53 7.62 5.25 -13.26
C ARG B 53 7.05 5.78 -14.57
N TYR B 54 6.22 6.81 -14.50
CA TYR B 54 5.68 7.37 -15.74
C TYR B 54 6.83 7.98 -16.54
N VAL B 55 7.66 8.79 -15.88
CA VAL B 55 8.79 9.41 -16.56
C VAL B 55 9.75 8.34 -17.10
N VAL B 56 10.02 7.33 -16.28
CA VAL B 56 10.93 6.24 -16.65
C VAL B 56 10.37 5.33 -17.75
N ASP B 57 9.14 4.85 -17.59
CA ASP B 57 8.53 3.99 -18.60
C ASP B 57 8.52 4.73 -19.92
N SER B 58 8.24 6.03 -19.86
CA SER B 58 8.21 6.86 -21.06
C SER B 58 9.56 6.91 -21.76
N LEU B 59 10.59 7.35 -21.05
CA LEU B 59 11.93 7.42 -21.64
C LEU B 59 12.41 6.05 -22.09
N ARG B 60 11.94 4.99 -21.42
CA ARG B 60 12.32 3.63 -21.80
C ARG B 60 11.68 3.32 -23.15
N GLU B 61 10.46 3.83 -23.34
CA GLU B 61 9.73 3.63 -24.58
C GLU B 61 10.43 4.38 -25.71
N ARG B 62 11.13 5.45 -25.34
CA ARG B 62 11.86 6.27 -26.31
C ARG B 62 13.29 5.80 -26.53
N GLY B 63 13.64 4.64 -25.98
CA GLY B 63 14.98 4.11 -26.20
C GLY B 63 16.04 4.30 -25.12
N ALA B 64 15.65 4.82 -23.96
CA ALA B 64 16.61 5.00 -22.88
C ALA B 64 16.64 3.68 -22.12
N ILE B 65 17.84 3.15 -21.89
CA ILE B 65 17.96 1.89 -21.17
C ILE B 65 18.47 2.14 -19.76
N PHE B 66 17.64 1.87 -18.77
CA PHE B 66 18.02 2.09 -17.38
C PHE B 66 18.65 0.85 -16.76
N ILE B 67 19.94 0.95 -16.42
CA ILE B 67 20.67 -0.15 -15.81
C ILE B 67 21.12 0.26 -14.42
N GLU B 68 21.69 -0.68 -13.65
CA GLU B 68 22.12 -0.33 -12.31
C GLU B 68 23.64 -0.32 -12.15
N GLN B 69 24.32 -1.09 -12.98
CA GLN B 69 25.78 -1.17 -12.92
C GLN B 69 26.40 -0.80 -14.26
N ILE B 70 27.59 -0.21 -14.21
CA ILE B 70 28.29 0.19 -15.42
C ILE B 70 28.66 -1.03 -16.26
N SER B 71 28.83 -2.18 -15.61
CA SER B 71 29.17 -3.42 -16.30
C SER B 71 27.99 -3.92 -17.14
N GLU B 72 26.89 -3.17 -17.10
CA GLU B 72 25.70 -3.52 -17.88
C GLU B 72 25.69 -2.66 -19.14
N VAL B 73 26.65 -1.73 -19.22
CA VAL B 73 26.75 -0.81 -20.35
C VAL B 73 27.83 -1.25 -21.34
N PRO B 74 27.49 -1.25 -22.64
CA PRO B 74 28.41 -1.63 -23.72
C PRO B 74 29.50 -0.57 -23.93
N ASP B 75 30.63 -1.01 -24.49
CA ASP B 75 31.73 -0.09 -24.77
C ASP B 75 31.28 0.89 -25.84
N GLY B 76 31.76 2.13 -25.76
CA GLY B 76 31.39 3.13 -26.73
C GLY B 76 29.97 3.67 -26.65
N ALA B 77 29.26 3.31 -25.58
CA ALA B 77 27.88 3.77 -25.41
C ALA B 77 27.83 5.11 -24.68
N ILE B 78 26.66 5.74 -24.69
CA ILE B 78 26.48 7.01 -23.99
C ILE B 78 25.86 6.63 -22.64
N LEU B 79 26.42 7.19 -21.57
CA LEU B 79 25.91 6.89 -20.22
C LEU B 79 25.54 8.18 -19.49
N ILE B 80 24.39 8.16 -18.82
CA ILE B 80 23.93 9.32 -18.07
C ILE B 80 23.77 8.92 -16.60
N PHE B 81 24.33 9.71 -15.69
CA PHE B 81 24.19 9.43 -14.27
C PHE B 81 22.83 10.01 -13.89
N SER B 82 22.11 9.35 -13.00
CA SER B 82 20.79 9.84 -12.58
C SER B 82 20.90 11.08 -11.69
N ALA B 83 19.77 11.76 -11.54
CA ALA B 83 19.69 12.98 -10.74
C ALA B 83 20.15 12.75 -9.29
N HIS B 84 20.00 11.52 -8.81
CA HIS B 84 20.37 11.18 -7.45
C HIS B 84 21.88 11.16 -7.17
N GLY B 85 22.69 11.09 -8.22
CA GLY B 85 24.14 11.10 -8.04
C GLY B 85 24.79 9.72 -7.94
N VAL B 86 26.12 9.69 -8.04
CA VAL B 86 26.87 8.45 -7.97
C VAL B 86 28.15 8.57 -7.15
N SER B 87 28.59 7.44 -6.58
CA SER B 87 29.80 7.42 -5.78
C SER B 87 30.99 7.65 -6.70
N GLN B 88 32.14 7.95 -6.11
CA GLN B 88 33.35 8.15 -6.89
C GLN B 88 33.76 6.81 -7.50
N ALA B 89 33.48 5.72 -6.80
CA ALA B 89 33.81 4.39 -7.30
C ALA B 89 33.14 4.23 -8.67
N VAL B 90 31.82 4.39 -8.70
CA VAL B 90 31.05 4.28 -9.93
C VAL B 90 31.58 5.25 -11.00
N ARG B 91 31.81 6.50 -10.62
CA ARG B 91 32.31 7.51 -11.55
C ARG B 91 33.66 7.08 -12.13
N ASN B 92 34.53 6.56 -11.28
CA ASN B 92 35.84 6.11 -11.76
C ASN B 92 35.68 4.90 -12.67
N GLU B 93 34.82 3.97 -12.29
CA GLU B 93 34.60 2.77 -13.10
C GLU B 93 34.13 3.23 -14.48
N ALA B 94 33.28 4.25 -14.51
CA ALA B 94 32.76 4.79 -15.77
C ALA B 94 33.89 5.42 -16.56
N LYS B 95 34.77 6.13 -15.87
CA LYS B 95 35.90 6.79 -16.50
C LYS B 95 36.89 5.79 -17.07
N SER B 96 37.14 4.70 -16.35
CA SER B 96 38.08 3.68 -16.80
C SER B 96 37.56 2.94 -18.03
N ARG B 97 36.24 2.99 -18.24
CA ARG B 97 35.63 2.33 -19.39
C ARG B 97 35.60 3.29 -20.58
N ASP B 98 35.41 2.73 -21.77
CA ASP B 98 35.34 3.53 -23.00
C ASP B 98 33.90 4.02 -23.15
N LEU B 99 33.53 5.02 -22.35
CA LEU B 99 32.17 5.56 -22.36
C LEU B 99 32.10 7.08 -22.40
N THR B 100 31.02 7.59 -22.99
CA THR B 100 30.78 9.02 -23.04
C THR B 100 29.78 9.25 -21.91
N VAL B 101 30.16 10.05 -20.93
CA VAL B 101 29.27 10.29 -19.79
C VAL B 101 28.74 11.71 -19.67
N PHE B 102 27.48 11.79 -19.27
CA PHE B 102 26.81 13.06 -19.02
C PHE B 102 26.22 12.91 -17.62
N ASP B 103 26.52 13.85 -16.74
CA ASP B 103 26.07 13.79 -15.34
C ASP B 103 24.78 14.58 -15.09
N ALA B 104 23.68 13.87 -14.84
CA ALA B 104 22.41 14.53 -14.58
C ALA B 104 22.20 14.78 -13.08
N THR B 105 23.22 14.47 -12.28
CA THR B 105 23.16 14.67 -10.84
C THR B 105 22.63 16.07 -10.55
N CYS B 106 21.70 16.18 -9.61
CA CYS B 106 21.16 17.50 -9.27
C CYS B 106 22.26 18.37 -8.70
N PRO B 107 22.35 19.64 -9.15
CA PRO B 107 23.38 20.53 -8.64
C PRO B 107 23.37 20.63 -7.11
N LEU B 108 22.18 20.49 -6.52
CA LEU B 108 22.03 20.56 -5.07
C LEU B 108 22.57 19.33 -4.37
N VAL B 109 22.61 18.21 -5.09
CA VAL B 109 23.18 16.98 -4.55
C VAL B 109 24.70 17.13 -4.64
N THR B 110 25.17 17.55 -5.82
CA THR B 110 26.59 17.77 -6.06
C THR B 110 27.18 18.66 -4.97
N LYS B 111 26.40 19.67 -4.56
CA LYS B 111 26.85 20.58 -3.51
C LYS B 111 27.24 19.80 -2.25
N VAL B 112 26.38 18.88 -1.82
CA VAL B 112 26.67 18.08 -0.64
C VAL B 112 27.93 17.23 -0.91
N HIS B 113 27.99 16.66 -2.11
CA HIS B 113 29.14 15.84 -2.51
C HIS B 113 30.46 16.55 -2.25
N MET B 114 30.55 17.79 -2.71
CA MET B 114 31.76 18.59 -2.54
C MET B 114 32.19 18.73 -1.09
N GLU B 115 31.24 18.89 -0.18
CA GLU B 115 31.57 19.03 1.23
C GLU B 115 32.10 17.72 1.81
N VAL B 116 31.52 16.61 1.39
CA VAL B 116 31.95 15.31 1.87
C VAL B 116 33.38 15.06 1.36
N ALA B 117 33.62 15.46 0.12
CA ALA B 117 34.94 15.30 -0.49
C ALA B 117 35.95 16.14 0.27
N ARG B 118 35.54 17.35 0.63
CA ARG B 118 36.40 18.25 1.37
C ARG B 118 36.81 17.61 2.70
N ALA B 119 35.83 17.13 3.44
CA ALA B 119 36.09 16.51 4.73
C ALA B 119 37.01 15.29 4.57
N SER B 120 36.81 14.55 3.48
CA SER B 120 37.62 13.36 3.22
C SER B 120 39.09 13.74 3.05
N ARG B 121 39.35 14.82 2.31
CA ARG B 121 40.72 15.27 2.10
C ARG B 121 41.38 15.57 3.44
N ARG B 122 40.69 16.36 4.26
CA ARG B 122 41.20 16.74 5.57
C ARG B 122 41.35 15.54 6.51
N GLY B 123 40.84 14.38 6.11
CA GLY B 123 40.93 13.20 6.95
C GLY B 123 40.04 13.33 8.17
N GLU B 124 39.12 14.29 8.13
CA GLU B 124 38.20 14.52 9.23
C GLU B 124 36.91 13.74 9.01
N GLU B 125 36.38 13.19 10.10
CA GLU B 125 35.17 12.38 10.06
C GLU B 125 33.89 13.18 9.77
N SER B 126 33.01 12.58 8.98
CA SER B 126 31.73 13.19 8.63
C SER B 126 30.59 12.23 8.93
N ILE B 127 29.44 12.80 9.28
CA ILE B 127 28.23 12.05 9.59
C ILE B 127 27.14 12.46 8.62
N LEU B 128 26.54 11.50 7.94
CA LEU B 128 25.46 11.80 7.02
C LEU B 128 24.12 11.39 7.61
N ILE B 129 23.15 12.30 7.56
CA ILE B 129 21.81 12.01 8.06
C ILE B 129 21.07 11.61 6.79
N GLY B 130 20.59 10.37 6.74
CA GLY B 130 19.89 9.93 5.56
C GLY B 130 19.28 8.55 5.72
N HIS B 131 18.73 8.01 4.64
CA HIS B 131 18.10 6.70 4.68
C HIS B 131 18.96 5.65 3.97
N ALA B 132 19.35 4.63 4.71
CA ALA B 132 20.17 3.55 4.19
C ALA B 132 19.58 2.95 2.91
N GLY B 133 20.42 2.66 1.93
CA GLY B 133 19.95 2.05 0.70
C GLY B 133 19.55 2.99 -0.42
N HIS B 134 19.18 4.23 -0.10
CA HIS B 134 18.78 5.17 -1.15
C HIS B 134 20.01 5.54 -1.99
N PRO B 135 19.85 5.63 -3.32
CA PRO B 135 20.99 5.96 -4.18
C PRO B 135 21.68 7.29 -3.84
N GLU B 136 20.94 8.28 -3.36
CA GLU B 136 21.57 9.55 -3.02
C GLU B 136 22.54 9.32 -1.86
N VAL B 137 22.10 8.51 -0.89
CA VAL B 137 22.95 8.19 0.26
C VAL B 137 24.20 7.44 -0.21
N GLU B 138 24.00 6.50 -1.12
CA GLU B 138 25.12 5.71 -1.63
C GLU B 138 26.12 6.61 -2.35
N GLY B 139 25.63 7.56 -3.14
CA GLY B 139 26.51 8.45 -3.87
C GLY B 139 27.26 9.41 -2.95
N THR B 140 26.55 9.98 -1.98
CA THR B 140 27.16 10.92 -1.05
C THR B 140 28.18 10.24 -0.15
N MET B 141 27.82 9.09 0.42
CA MET B 141 28.74 8.35 1.28
C MET B 141 29.95 7.99 0.41
N GLY B 142 29.66 7.73 -0.86
CA GLY B 142 30.71 7.36 -1.80
C GLY B 142 31.65 8.49 -2.19
N GLN B 143 31.48 9.67 -1.61
CA GLN B 143 32.37 10.77 -1.92
C GLN B 143 33.51 10.81 -0.91
N TYR B 144 33.42 9.95 0.11
CA TYR B 144 34.44 9.89 1.16
C TYR B 144 35.31 8.66 0.93
N SER B 145 36.62 8.85 0.85
CA SER B 145 37.51 7.71 0.61
C SER B 145 38.75 7.64 1.49
N ASN B 146 38.95 8.63 2.37
CA ASN B 146 40.12 8.63 3.23
C ASN B 146 40.00 7.66 4.41
N PRO B 147 40.79 6.58 4.39
CA PRO B 147 40.82 5.53 5.42
C PRO B 147 41.10 6.06 6.83
N GLU B 148 41.94 7.08 6.90
CA GLU B 148 42.31 7.67 8.18
C GLU B 148 41.16 8.39 8.87
N GLY B 149 40.12 8.71 8.11
CA GLY B 149 38.97 9.40 8.67
C GLY B 149 37.80 8.47 8.94
N GLY B 150 36.61 8.92 8.55
CA GLY B 150 35.41 8.15 8.76
C GLY B 150 34.18 8.80 8.18
N MET B 151 33.28 7.96 7.67
CA MET B 151 32.01 8.39 7.06
C MET B 151 30.92 7.51 7.67
N TYR B 152 30.06 8.10 8.50
CA TYR B 152 29.01 7.32 9.15
C TYR B 152 27.59 7.77 8.76
N LEU B 153 26.65 6.84 8.82
CA LEU B 153 25.26 7.15 8.48
C LEU B 153 24.36 7.03 9.70
N VAL B 154 23.48 8.01 9.89
CA VAL B 154 22.53 7.95 11.00
C VAL B 154 21.19 8.35 10.41
N GLU B 155 20.12 7.69 10.87
CA GLU B 155 18.80 7.98 10.35
C GLU B 155 17.90 8.61 11.41
N SER B 156 18.22 8.40 12.67
CA SER B 156 17.42 8.92 13.75
C SER B 156 18.26 9.25 14.97
N PRO B 157 17.65 9.85 16.01
CA PRO B 157 18.42 10.18 17.22
C PRO B 157 18.98 8.88 17.82
N ASP B 158 18.22 7.80 17.67
CA ASP B 158 18.62 6.49 18.19
C ASP B 158 19.96 6.08 17.60
N ASP B 159 20.16 6.35 16.31
CA ASP B 159 21.41 6.01 15.67
C ASP B 159 22.51 6.89 16.26
N VAL B 160 22.20 8.16 16.47
CA VAL B 160 23.17 9.08 17.04
C VAL B 160 23.63 8.59 18.42
N TRP B 161 22.68 8.11 19.21
CA TRP B 161 22.94 7.62 20.57
C TRP B 161 23.90 6.42 20.60
N LYS B 162 23.98 5.69 19.49
CA LYS B 162 24.86 4.50 19.42
C LYS B 162 26.21 4.79 18.76
N LEU B 163 26.27 5.87 18.00
CA LEU B 163 27.48 6.23 17.27
C LEU B 163 28.68 6.60 18.16
N THR B 164 29.85 6.11 17.75
CA THR B 164 31.10 6.41 18.43
C THR B 164 32.01 6.81 17.27
N VAL B 165 32.78 7.87 17.47
CA VAL B 165 33.66 8.37 16.44
C VAL B 165 35.10 8.35 16.94
N LYS B 166 36.05 8.48 16.03
CA LYS B 166 37.46 8.48 16.38
C LYS B 166 37.89 9.76 17.09
N ASN B 167 37.52 10.90 16.52
CA ASN B 167 37.88 12.18 17.10
C ASN B 167 36.71 13.14 16.93
N GLU B 168 35.88 13.23 17.95
CA GLU B 168 34.72 14.10 17.90
C GLU B 168 35.04 15.59 17.99
N GLU B 169 36.34 15.92 17.98
CA GLU B 169 36.76 17.32 18.04
C GLU B 169 36.78 17.85 16.61
N LYS B 170 37.00 16.94 15.66
CA LYS B 170 37.02 17.28 14.24
C LYS B 170 35.90 16.47 13.61
N LEU B 171 34.68 16.98 13.69
CA LEU B 171 33.52 16.27 13.18
C LEU B 171 32.55 17.19 12.42
N SER B 172 32.11 16.74 11.25
CA SER B 172 31.16 17.52 10.46
C SER B 172 30.00 16.62 10.04
N PHE B 173 28.87 17.22 9.68
CA PHE B 173 27.72 16.44 9.25
C PHE B 173 27.08 17.02 8.00
N MET B 174 26.35 16.17 7.27
CA MET B 174 25.65 16.58 6.05
C MET B 174 24.34 15.81 6.04
N THR B 175 23.38 16.20 5.20
CA THR B 175 22.11 15.48 5.17
C THR B 175 21.67 15.20 3.75
N GLN B 176 20.75 14.25 3.62
CA GLN B 176 20.16 13.90 2.33
C GLN B 176 19.31 15.13 2.05
N THR B 177 19.09 15.44 0.78
CA THR B 177 18.32 16.63 0.40
C THR B 177 16.80 16.53 0.43
N THR B 178 16.27 15.31 0.50
CA THR B 178 14.82 15.10 0.48
C THR B 178 14.19 14.59 1.77
N LEU B 179 14.85 14.83 2.91
CA LEU B 179 14.34 14.35 4.19
C LEU B 179 13.23 15.20 4.77
N SER B 180 12.58 14.66 5.81
CA SER B 180 11.54 15.38 6.53
C SER B 180 12.29 16.47 7.30
N VAL B 181 11.92 17.72 7.09
CA VAL B 181 12.59 18.83 7.78
C VAL B 181 12.52 18.64 9.30
N ASP B 182 11.33 18.28 9.80
CA ASP B 182 11.12 18.08 11.22
C ASP B 182 11.92 16.94 11.85
N ASP B 183 11.93 15.77 11.21
CA ASP B 183 12.68 14.64 11.75
C ASP B 183 14.17 14.94 11.72
N THR B 184 14.64 15.53 10.63
CA THR B 184 16.05 15.85 10.50
C THR B 184 16.48 16.82 11.60
N SER B 185 15.60 17.75 11.94
CA SER B 185 15.90 18.73 12.99
C SER B 185 16.16 18.02 14.31
N ASP B 186 15.35 16.99 14.60
CA ASP B 186 15.50 16.23 15.84
C ASP B 186 16.82 15.48 15.86
N VAL B 187 17.20 14.92 14.70
CA VAL B 187 18.45 14.19 14.58
C VAL B 187 19.62 15.16 14.82
N ILE B 188 19.53 16.35 14.24
CA ILE B 188 20.57 17.35 14.42
C ILE B 188 20.71 17.67 15.91
N ASP B 189 19.58 17.90 16.59
CA ASP B 189 19.59 18.22 18.01
C ASP B 189 20.38 17.16 18.77
N ALA B 190 20.14 15.89 18.45
CA ALA B 190 20.85 14.81 19.11
C ALA B 190 22.35 14.92 18.84
N LEU B 191 22.72 15.15 17.58
CA LEU B 191 24.12 15.25 17.20
C LEU B 191 24.86 16.31 17.98
N ARG B 192 24.26 17.48 18.12
CA ARG B 192 24.91 18.56 18.85
C ARG B 192 25.00 18.34 20.36
N LYS B 193 24.11 17.52 20.91
CA LYS B 193 24.15 17.25 22.34
C LYS B 193 25.17 16.15 22.65
N ARG B 194 25.31 15.20 21.73
CA ARG B 194 26.27 14.12 21.90
C ARG B 194 27.66 14.57 21.45
N PHE B 195 27.71 15.35 20.37
CA PHE B 195 28.96 15.85 19.83
C PHE B 195 28.89 17.37 19.76
N PRO B 196 29.05 18.03 20.91
CA PRO B 196 28.99 19.51 20.98
C PRO B 196 29.89 20.32 20.04
N LYS B 197 30.99 19.75 19.55
CA LYS B 197 31.87 20.49 18.64
C LYS B 197 31.68 20.18 17.15
N ILE B 198 30.61 19.47 16.83
CA ILE B 198 30.36 19.09 15.45
C ILE B 198 30.01 20.33 14.61
N VAL B 199 30.45 20.34 13.36
CA VAL B 199 30.19 21.46 12.47
C VAL B 199 29.32 21.02 11.30
N GLY B 200 28.46 21.91 10.84
CA GLY B 200 27.59 21.60 9.73
C GLY B 200 27.06 22.87 9.10
N PRO B 201 26.08 22.78 8.18
CA PRO B 201 25.52 23.96 7.53
C PRO B 201 24.74 24.72 8.59
N ARG B 202 24.16 25.87 8.25
CA ARG B 202 23.40 26.63 9.23
C ARG B 202 22.25 25.80 9.82
N LYS B 203 21.61 25.01 8.98
CA LYS B 203 20.49 24.19 9.43
C LYS B 203 20.68 22.76 8.91
N ASP B 204 20.53 22.57 7.61
CA ASP B 204 20.69 21.25 7.02
C ASP B 204 20.93 21.37 5.52
N ASP B 205 20.96 20.23 4.83
CA ASP B 205 21.16 20.20 3.40
C ASP B 205 19.85 19.97 2.65
N ILE B 206 18.73 19.96 3.36
CA ILE B 206 17.43 19.76 2.71
C ILE B 206 17.23 20.94 1.75
N CYS B 207 16.96 20.62 0.49
CA CYS B 207 16.81 21.64 -0.53
C CYS B 207 15.49 22.42 -0.45
N TYR B 208 15.49 23.55 -1.13
CA TYR B 208 14.35 24.47 -1.19
C TYR B 208 13.06 23.77 -1.62
N ALA B 209 13.16 22.94 -2.66
CA ALA B 209 11.99 22.25 -3.18
C ALA B 209 11.36 21.32 -2.16
N THR B 210 12.19 20.57 -1.44
CA THR B 210 11.68 19.65 -0.44
C THR B 210 11.07 20.42 0.72
N THR B 211 11.73 21.52 1.09
CA THR B 211 11.24 22.36 2.18
C THR B 211 9.89 22.97 1.79
N ASN B 212 9.81 23.53 0.59
CA ASN B 212 8.58 24.18 0.14
C ASN B 212 7.42 23.22 -0.02
N ARG B 213 7.68 22.02 -0.54
CA ARG B 213 6.60 21.08 -0.73
C ARG B 213 6.05 20.58 0.60
N GLN B 214 6.92 20.44 1.60
CA GLN B 214 6.47 20.00 2.91
C GLN B 214 5.66 21.13 3.55
N GLU B 215 6.15 22.34 3.39
CA GLU B 215 5.44 23.51 3.93
C GLU B 215 4.07 23.57 3.24
N ALA B 216 4.06 23.30 1.93
CA ALA B 216 2.83 23.34 1.14
C ALA B 216 1.82 22.25 1.49
N VAL B 217 2.30 21.04 1.75
CA VAL B 217 1.36 19.97 2.07
C VAL B 217 0.82 20.18 3.49
N ARG B 218 1.59 20.87 4.33
CA ARG B 218 1.13 21.13 5.70
C ARG B 218 -0.08 22.06 5.63
N ALA B 219 0.03 23.11 4.81
CA ALA B 219 -1.07 24.05 4.63
C ALA B 219 -2.27 23.32 4.02
N LEU B 220 -2.01 22.48 3.03
CA LEU B 220 -3.07 21.73 2.36
C LEU B 220 -3.82 20.83 3.35
N ALA B 221 -3.04 20.10 4.15
CA ALA B 221 -3.59 19.16 5.14
C ALA B 221 -4.53 19.80 6.15
N GLU B 222 -4.19 20.99 6.61
CA GLU B 222 -5.05 21.66 7.57
C GLU B 222 -6.29 22.25 6.93
N GLN B 223 -6.68 21.68 5.79
CA GLN B 223 -7.87 22.14 5.09
C GLN B 223 -8.59 20.98 4.43
N ALA B 224 -7.83 19.95 4.06
CA ALA B 224 -8.41 18.78 3.41
C ALA B 224 -8.47 17.57 4.35
N GLU B 225 -9.52 16.78 4.20
CA GLU B 225 -9.71 15.59 5.03
C GLU B 225 -8.81 14.48 4.52
N VAL B 226 -8.72 14.34 3.20
CA VAL B 226 -7.90 13.31 2.59
C VAL B 226 -6.86 13.94 1.65
N VAL B 227 -5.63 13.44 1.70
CA VAL B 227 -4.55 13.98 0.86
C VAL B 227 -3.97 12.95 -0.12
N LEU B 228 -3.96 13.30 -1.40
CA LEU B 228 -3.40 12.42 -2.42
C LEU B 228 -2.05 12.97 -2.88
N VAL B 229 -0.99 12.21 -2.68
CA VAL B 229 0.35 12.65 -3.09
C VAL B 229 0.75 11.87 -4.34
N VAL B 230 0.88 12.56 -5.46
CA VAL B 230 1.28 11.90 -6.70
C VAL B 230 2.79 11.68 -6.72
N GLY B 231 3.19 10.41 -6.68
CA GLY B 231 4.60 10.08 -6.68
C GLY B 231 4.75 8.58 -6.64
N SER B 232 5.93 8.08 -7.04
CA SER B 232 6.19 6.65 -7.05
C SER B 232 6.64 6.13 -5.68
N LYS B 233 6.46 4.83 -5.47
CA LYS B 233 6.82 4.21 -4.19
C LYS B 233 8.27 4.44 -3.76
N ASN B 234 9.18 4.50 -4.73
CA ASN B 234 10.59 4.68 -4.42
C ASN B 234 11.04 6.15 -4.40
N SER B 235 10.08 7.07 -4.40
CA SER B 235 10.45 8.49 -4.34
C SER B 235 10.49 8.94 -2.88
N SER B 236 11.70 9.21 -2.40
CA SER B 236 11.91 9.64 -1.01
C SER B 236 11.10 10.88 -0.63
N ASN B 237 11.23 11.94 -1.42
CA ASN B 237 10.52 13.17 -1.11
C ASN B 237 9.00 13.01 -1.17
N SER B 238 8.51 12.18 -2.09
CA SER B 238 7.07 11.97 -2.19
C SER B 238 6.54 11.34 -0.92
N ASN B 239 7.25 10.33 -0.42
CA ASN B 239 6.85 9.66 0.82
C ASN B 239 6.77 10.62 2.01
N ARG B 240 7.74 11.53 2.12
CA ARG B 240 7.74 12.49 3.22
C ARG B 240 6.46 13.32 3.19
N LEU B 241 5.98 13.63 1.98
CA LEU B 241 4.76 14.41 1.81
C LEU B 241 3.57 13.64 2.40
N ALA B 242 3.49 12.36 2.08
CA ALA B 242 2.41 11.53 2.60
C ALA B 242 2.49 11.41 4.12
N GLU B 243 3.69 11.15 4.63
CA GLU B 243 3.91 11.02 6.08
C GLU B 243 3.40 12.24 6.83
N LEU B 244 3.88 13.40 6.39
CA LEU B 244 3.53 14.66 7.03
C LEU B 244 2.02 14.79 7.19
N ALA B 245 1.28 14.54 6.11
CA ALA B 245 -0.18 14.64 6.16
C ALA B 245 -0.76 13.58 7.10
N GLN B 246 -0.27 12.36 7.00
CA GLN B 246 -0.74 11.29 7.84
C GLN B 246 -0.54 11.64 9.32
N ARG B 247 0.63 12.18 9.63
CA ARG B 247 0.93 12.57 10.99
C ARG B 247 0.09 13.73 11.50
N MET B 248 -0.66 14.36 10.60
CA MET B 248 -1.55 15.46 10.99
C MET B 248 -2.98 14.95 11.14
N GLY B 249 -3.14 13.63 11.16
CA GLY B 249 -4.45 13.03 11.32
C GLY B 249 -5.26 12.83 10.06
N LYS B 250 -4.63 13.01 8.90
CA LYS B 250 -5.35 12.86 7.65
C LYS B 250 -4.98 11.57 6.92
N ARG B 251 -5.95 10.99 6.24
CA ARG B 251 -5.68 9.79 5.47
C ARG B 251 -4.93 10.34 4.27
N ALA B 252 -3.78 9.75 3.95
CA ALA B 252 -2.99 10.22 2.82
C ALA B 252 -2.54 9.02 2.01
N PHE B 253 -2.56 9.15 0.69
CA PHE B 253 -2.14 8.04 -0.15
C PHE B 253 -1.11 8.46 -1.20
N LEU B 254 -0.15 7.59 -1.44
CA LEU B 254 0.89 7.83 -2.44
C LEU B 254 0.38 7.08 -3.67
N ILE B 255 0.11 7.80 -4.75
CA ILE B 255 -0.38 7.14 -5.97
C ILE B 255 0.41 7.55 -7.21
N ASP B 256 0.56 6.61 -8.13
CA ASP B 256 1.31 6.83 -9.37
C ASP B 256 0.48 7.52 -10.43
N ASP B 257 -0.84 7.32 -10.38
CA ASP B 257 -1.76 7.92 -11.32
C ASP B 257 -3.22 7.74 -10.88
N ALA B 258 -4.13 8.35 -11.62
CA ALA B 258 -5.56 8.30 -11.30
C ALA B 258 -6.11 6.88 -11.07
N LYS B 259 -5.55 5.91 -11.78
CA LYS B 259 -5.98 4.53 -11.67
C LYS B 259 -5.84 3.94 -10.26
N ASP B 260 -4.93 4.51 -9.48
CA ASP B 260 -4.71 4.02 -8.11
C ASP B 260 -5.76 4.52 -7.13
N ILE B 261 -6.49 5.57 -7.49
CA ILE B 261 -7.51 6.14 -6.62
C ILE B 261 -8.68 5.18 -6.37
N GLN B 262 -8.91 4.85 -5.10
CA GLN B 262 -10.01 3.95 -4.73
C GLN B 262 -11.17 4.80 -4.23
N GLU B 263 -12.37 4.53 -4.73
CA GLU B 263 -13.56 5.29 -4.36
C GLU B 263 -13.78 5.48 -2.86
N GLU B 264 -13.54 4.43 -2.07
CA GLU B 264 -13.76 4.52 -0.63
C GLU B 264 -12.93 5.62 0.01
N TRP B 265 -11.78 5.93 -0.57
CA TRP B 265 -10.92 6.98 -0.03
C TRP B 265 -11.59 8.34 0.03
N VAL B 266 -12.38 8.68 -0.99
CA VAL B 266 -13.03 9.98 -1.03
C VAL B 266 -14.54 9.93 -0.82
N LYS B 267 -15.08 8.76 -0.54
CA LYS B 267 -16.52 8.62 -0.31
C LYS B 267 -16.96 9.53 0.83
N GLU B 268 -17.92 10.41 0.55
CA GLU B 268 -18.45 11.32 1.55
C GLU B 268 -17.40 12.28 2.11
N VAL B 269 -16.39 12.57 1.31
CA VAL B 269 -15.33 13.50 1.71
C VAL B 269 -15.68 14.87 1.12
N LYS B 270 -15.81 15.87 1.98
CA LYS B 270 -16.17 17.21 1.55
C LYS B 270 -15.00 18.01 0.99
N CYS B 271 -13.78 17.63 1.36
CA CYS B 271 -12.60 18.33 0.87
C CYS B 271 -11.40 17.40 0.76
N VAL B 272 -10.91 17.23 -0.46
CA VAL B 272 -9.76 16.39 -0.71
C VAL B 272 -8.63 17.23 -1.28
N GLY B 273 -7.42 17.00 -0.79
CA GLY B 273 -6.27 17.75 -1.25
C GLY B 273 -5.31 16.90 -2.08
N VAL B 274 -4.69 17.53 -3.07
CA VAL B 274 -3.75 16.80 -3.91
C VAL B 274 -2.45 17.58 -4.12
N THR B 275 -1.35 16.85 -4.05
CA THR B 275 -0.05 17.45 -4.29
C THR B 275 0.74 16.44 -5.09
N ALA B 276 1.99 16.78 -5.40
CA ALA B 276 2.85 15.92 -6.18
C ALA B 276 4.29 16.06 -5.73
N GLY B 277 5.02 14.95 -5.79
CA GLY B 277 6.42 14.95 -5.42
C GLY B 277 7.25 15.69 -6.46
N ALA B 278 8.53 15.91 -6.15
CA ALA B 278 9.42 16.64 -7.04
C ALA B 278 9.68 15.96 -8.38
N SER B 279 9.36 14.68 -8.47
CA SER B 279 9.60 13.93 -9.70
C SER B 279 8.34 13.53 -10.48
N ALA B 280 7.18 14.04 -10.06
CA ALA B 280 5.92 13.72 -10.72
C ALA B 280 5.44 14.78 -11.70
N PRO B 281 5.28 14.43 -13.00
CA PRO B 281 4.83 15.36 -14.04
C PRO B 281 3.43 15.89 -13.75
N ASP B 282 3.16 17.12 -14.15
CA ASP B 282 1.86 17.72 -13.92
C ASP B 282 0.74 16.97 -14.65
N ILE B 283 1.04 16.39 -15.80
CA ILE B 283 0.03 15.66 -16.55
C ILE B 283 -0.62 14.62 -15.65
N LEU B 284 0.17 14.02 -14.74
CA LEU B 284 -0.36 13.03 -13.83
C LEU B 284 -1.37 13.65 -12.86
N VAL B 285 -1.07 14.86 -12.39
CA VAL B 285 -1.97 15.55 -11.47
C VAL B 285 -3.26 15.90 -12.21
N GLN B 286 -3.13 16.37 -13.45
CA GLN B 286 -4.29 16.71 -14.27
C GLN B 286 -5.25 15.52 -14.39
N ASN B 287 -4.70 14.32 -14.56
CA ASN B 287 -5.54 13.12 -14.68
C ASN B 287 -6.16 12.74 -13.34
N VAL B 288 -5.44 13.01 -12.25
CA VAL B 288 -5.96 12.70 -10.92
C VAL B 288 -7.13 13.65 -10.66
N VAL B 289 -6.96 14.91 -11.03
CA VAL B 289 -8.04 15.88 -10.84
C VAL B 289 -9.24 15.40 -11.66
N ALA B 290 -9.00 14.96 -12.88
CA ALA B 290 -10.09 14.49 -13.74
C ALA B 290 -10.85 13.36 -13.08
N ARG B 291 -10.11 12.39 -12.53
CA ARG B 291 -10.72 11.26 -11.84
C ARG B 291 -11.53 11.74 -10.63
N LEU B 292 -10.91 12.54 -9.78
CA LEU B 292 -11.61 13.05 -8.60
C LEU B 292 -12.91 13.76 -9.00
N GLN B 293 -12.85 14.52 -10.09
CA GLN B 293 -14.02 15.25 -10.56
C GLN B 293 -15.15 14.36 -11.03
N GLN B 294 -14.84 13.26 -11.69
CA GLN B 294 -15.92 12.39 -12.13
C GLN B 294 -16.41 11.62 -10.90
N LEU B 295 -15.71 11.84 -9.78
CA LEU B 295 -16.05 11.20 -8.52
C LEU B 295 -16.76 12.17 -7.59
N GLY B 296 -17.23 13.29 -8.14
CA GLY B 296 -17.94 14.26 -7.33
C GLY B 296 -17.23 15.58 -7.08
N GLY B 297 -15.93 15.61 -7.36
CA GLY B 297 -15.17 16.83 -7.13
C GLY B 297 -15.52 17.93 -8.13
N GLY B 298 -15.30 19.18 -7.72
CA GLY B 298 -15.60 20.29 -8.59
C GLY B 298 -14.32 20.85 -9.20
N GLU B 299 -14.30 22.14 -9.48
CA GLU B 299 -13.12 22.77 -10.06
C GLU B 299 -11.97 22.73 -9.05
N ALA B 300 -10.77 22.44 -9.55
CA ALA B 300 -9.60 22.36 -8.70
C ALA B 300 -9.19 23.75 -8.23
N ILE B 301 -9.02 23.91 -6.92
CA ILE B 301 -8.62 25.19 -6.36
C ILE B 301 -7.16 25.16 -5.93
N PRO B 302 -6.32 25.99 -6.57
CA PRO B 302 -4.90 26.05 -6.21
C PRO B 302 -4.75 26.92 -4.98
N LEU B 303 -3.95 26.48 -4.02
CA LEU B 303 -3.74 27.28 -2.82
C LEU B 303 -2.67 28.32 -3.10
N GLU B 304 -2.63 29.36 -2.27
CA GLU B 304 -1.63 30.40 -2.41
C GLU B 304 -0.33 29.73 -1.97
N GLY B 305 0.76 30.03 -2.66
CA GLY B 305 2.01 29.41 -2.27
C GLY B 305 3.27 30.18 -2.57
N ARG B 306 4.31 29.87 -1.82
CA ARG B 306 5.62 30.49 -2.00
C ARG B 306 6.05 30.28 -3.45
N GLU B 307 6.64 31.31 -4.05
CA GLU B 307 7.08 31.20 -5.42
C GLU B 307 8.45 30.55 -5.51
N GLU B 308 8.64 29.75 -6.55
CA GLU B 308 9.91 29.09 -6.81
C GLU B 308 10.40 29.69 -8.12
N ASN B 309 11.66 30.08 -8.19
CA ASN B 309 12.18 30.68 -9.41
C ASN B 309 13.52 30.10 -9.84
N ILE B 310 13.87 28.95 -9.27
CA ILE B 310 15.14 28.33 -9.62
C ILE B 310 15.01 27.49 -10.88
N VAL B 311 16.00 27.60 -11.75
CA VAL B 311 16.04 26.82 -12.98
C VAL B 311 17.49 26.40 -13.20
N PHE B 312 17.71 25.11 -13.42
CA PHE B 312 19.05 24.58 -13.67
C PHE B 312 19.13 24.23 -15.16
N GLU B 313 20.09 24.82 -15.87
CA GLU B 313 20.24 24.56 -17.29
C GLU B 313 20.98 23.27 -17.61
N VAL B 314 20.68 22.69 -18.76
CA VAL B 314 21.32 21.46 -19.20
C VAL B 314 22.72 21.85 -19.67
N PRO B 315 23.70 20.93 -19.58
CA PRO B 315 25.04 21.31 -20.04
C PRO B 315 25.00 21.77 -21.49
N LYS B 316 25.90 22.69 -21.84
CA LYS B 316 25.95 23.22 -23.20
C LYS B 316 26.04 22.10 -24.23
N GLU B 317 26.82 21.08 -23.91
CA GLU B 317 27.02 19.94 -24.81
C GLU B 317 25.72 19.21 -25.15
N LEU B 318 24.61 19.59 -24.50
CA LEU B 318 23.34 18.94 -24.76
C LEU B 318 22.19 19.88 -25.12
N ARG B 319 22.49 21.14 -25.41
CA ARG B 319 21.44 22.08 -25.79
C ARG B 319 20.84 21.65 -27.11
N VAL B 320 19.59 22.03 -27.36
CA VAL B 320 18.92 21.68 -28.61
C VAL B 320 18.15 22.88 -29.15
#